data_2XJV
#
_entry.id   2XJV
#
_cell.length_a   46.450
_cell.length_b   62.360
_cell.length_c   106.190
_cell.angle_alpha   90.00
_cell.angle_beta   90.00
_cell.angle_gamma   90.00
#
_symmetry.space_group_name_H-M   'P 21 21 21'
#
loop_
_entity.id
_entity.type
_entity.pdbx_description
1 polymer 'FLOCCULATION PROTEIN FLO5'
2 non-polymer 'CALCIUM ION'
3 non-polymer 'SODIUM ION'
4 non-polymer 'CHLORIDE ION'
5 non-polymer beta-D-glucopyranose
6 water water
#
_entity_poly.entity_id   1
_entity_poly.type   'polypeptide(L)'
_entity_poly.pdbx_seq_one_letter_code
;GLVPRGSHMSGATEACLPAGQRKSGMNINFYQYSLKDSSTYSNAAYMAYGYASKTKLGSVGGQTDISIDYNIPCVSSSGT
FPCPQEDSYGNWGCKGMGACSNSQGIAYWSTDLFGFYTTPTNVTLEMTGYFLPPQTGSYTFSFATVDDSAILSVGGSIAF
ECCAQEQPPITSTNFTINGIKPWDGSLPTNITGTVYMYAGYYYPLKVVYSNAVSWGTLPISVELPDGTTVSDNFEGYVYS
FDDDLSQSNCTIPDPSIH
;
_entity_poly.pdbx_strand_id   A
#
# COMPACT_ATOMS: atom_id res chain seq x y z
N GLY A 1 23.41 12.61 -30.61
CA GLY A 1 22.74 13.91 -30.30
C GLY A 1 23.13 14.48 -28.95
N LEU A 2 23.25 15.81 -28.87
CA LEU A 2 23.68 16.49 -27.64
C LEU A 2 22.81 16.15 -26.43
N VAL A 3 21.53 15.90 -26.68
CA VAL A 3 20.57 15.58 -25.63
C VAL A 3 19.86 14.23 -25.87
N PRO A 4 19.40 13.57 -24.79
CA PRO A 4 18.56 12.37 -25.00
C PRO A 4 17.24 12.76 -25.66
N ARG A 5 16.68 11.85 -26.45
CA ARG A 5 15.47 12.12 -27.23
C ARG A 5 14.19 12.15 -26.39
N GLY A 6 14.23 11.52 -25.22
CA GLY A 6 13.06 11.45 -24.33
C GLY A 6 12.19 10.23 -24.61
N SER A 7 11.52 9.74 -23.57
CA SER A 7 10.60 8.58 -23.71
C SER A 7 9.51 8.87 -24.76
N HIS A 8 9.23 7.87 -25.60
CA HIS A 8 8.27 8.00 -26.71
C HIS A 8 6.87 8.44 -26.29
N MET A 9 6.26 9.29 -27.12
CA MET A 9 4.94 9.86 -26.86
C MET A 9 4.77 10.28 -25.39
N SER A 10 5.77 11.04 -24.90
CA SER A 10 5.74 11.59 -23.55
C SER A 10 5.39 10.53 -22.49
N GLY A 11 5.98 9.33 -22.62
CA GLY A 11 5.59 8.17 -21.81
C GLY A 11 6.28 8.02 -20.45
N ALA A 12 7.21 8.91 -20.13
CA ALA A 12 7.90 8.81 -18.84
C ALA A 12 6.94 9.08 -17.70
N THR A 13 7.15 8.35 -16.60
CA THR A 13 6.41 8.57 -15.36
C THR A 13 6.77 9.91 -14.72
N GLU A 14 5.75 10.73 -14.44
CA GLU A 14 5.95 12.01 -13.78
C GLU A 14 6.56 11.83 -12.38
N ALA A 15 7.54 12.65 -12.05
CA ALA A 15 8.20 12.62 -10.73
C ALA A 15 8.28 14.04 -10.16
N CYS A 16 8.93 14.20 -9.00
CA CYS A 16 8.91 15.46 -8.27
C CYS A 16 10.27 15.74 -7.67
N LEU A 17 10.54 17.01 -7.39
CA LEU A 17 11.71 17.42 -6.62
C LEU A 17 11.28 18.37 -5.50
N PRO A 18 10.63 17.85 -4.44
CA PRO A 18 10.18 18.75 -3.37
C PRO A 18 11.39 19.37 -2.65
N ALA A 19 11.29 20.64 -2.30
CA ALA A 19 12.45 21.37 -1.79
C ALA A 19 12.42 21.47 -0.28
N GLY A 20 11.35 20.97 0.32
CA GLY A 20 11.18 21.02 1.78
C GLY A 20 11.99 19.98 2.56
N GLN A 21 11.73 19.97 3.87
CA GLN A 21 12.41 19.05 4.78
CA GLN A 21 12.40 19.06 4.81
C GLN A 21 11.93 17.62 4.59
N ARG A 22 12.86 16.74 4.22
CA ARG A 22 12.52 15.34 3.94
C ARG A 22 12.38 14.58 5.26
N LYS A 23 11.35 13.74 5.36
CA LYS A 23 11.12 12.91 6.54
C LYS A 23 11.15 11.43 6.14
N SER A 24 11.79 10.58 6.94
CA SER A 24 11.86 9.16 6.60
C SER A 24 10.50 8.47 6.77
N GLY A 25 10.11 7.66 5.79
CA GLY A 25 8.90 6.84 5.91
C GLY A 25 7.64 7.36 5.26
N MET A 26 6.59 6.55 5.28
N MET A 26 6.61 6.52 5.26
CA MET A 26 5.33 6.89 4.65
CA MET A 26 5.31 6.79 4.65
C MET A 26 4.27 7.21 5.69
C MET A 26 4.32 7.29 5.72
N ASN A 27 3.29 8.01 5.27
CA ASN A 27 2.17 8.35 6.13
C ASN A 27 1.09 7.30 5.88
N ILE A 28 0.46 6.85 6.97
CA ILE A 28 -0.65 5.90 6.87
C ILE A 28 -1.93 6.52 7.44
N ASN A 29 -2.93 6.66 6.59
CA ASN A 29 -4.25 7.11 7.02
C ASN A 29 -5.18 5.91 7.13
N PHE A 30 -6.00 5.87 8.18
CA PHE A 30 -6.94 4.77 8.39
C PHE A 30 -8.37 5.25 8.22
N TYR A 31 -9.19 4.45 7.54
CA TYR A 31 -10.59 4.80 7.28
C TYR A 31 -11.54 3.66 7.62
N GLN A 32 -12.78 4.01 7.97
CA GLN A 32 -13.79 3.01 8.32
C GLN A 32 -14.09 2.07 7.15
N TYR A 33 -14.18 0.77 7.46
CA TYR A 33 -14.60 -0.26 6.53
C TYR A 33 -15.42 -1.30 7.31
N SER A 34 -16.58 -1.68 6.76
CA SER A 34 -17.55 -2.50 7.49
C SER A 34 -17.16 -3.97 7.55
N LEU A 35 -17.23 -4.55 8.75
CA LEU A 35 -17.00 -5.98 8.90
C LEU A 35 -17.91 -6.80 7.96
N LYS A 36 -17.29 -7.71 7.21
CA LYS A 36 -17.97 -8.66 6.31
C LYS A 36 -18.58 -8.03 5.06
N ASP A 37 -18.23 -6.77 4.78
CA ASP A 37 -18.58 -6.13 3.51
C ASP A 37 -17.61 -6.62 2.42
N SER A 38 -18.07 -7.58 1.61
CA SER A 38 -17.23 -8.15 0.56
C SER A 38 -17.52 -7.55 -0.80
N SER A 39 -18.18 -6.39 -0.83
CA SER A 39 -18.53 -5.76 -2.11
CA SER A 39 -18.56 -5.75 -2.09
C SER A 39 -17.88 -4.40 -2.33
N THR A 40 -17.91 -3.53 -1.32
CA THR A 40 -17.38 -2.16 -1.43
C THR A 40 -15.95 -2.10 -2.01
N TYR A 41 -15.07 -2.95 -1.53
CA TYR A 41 -13.67 -2.89 -1.97
C TYR A 41 -13.39 -3.51 -3.34
N SER A 42 -14.44 -3.92 -4.04
CA SER A 42 -14.30 -4.50 -5.38
C SER A 42 -14.45 -3.46 -6.46
N ASN A 43 -14.63 -2.21 -6.06
CA ASN A 43 -14.82 -1.10 -6.98
CA ASN A 43 -14.85 -1.09 -6.96
C ASN A 43 -13.55 -0.27 -7.10
N ALA A 44 -13.16 0.00 -8.34
CA ALA A 44 -11.94 0.79 -8.61
C ALA A 44 -12.01 2.20 -8.02
N ALA A 45 -13.15 2.86 -8.20
CA ALA A 45 -13.38 4.20 -7.66
C ALA A 45 -13.23 4.23 -6.13
N TYR A 46 -13.76 3.21 -5.45
CA TYR A 46 -13.60 3.11 -4.00
C TYR A 46 -12.10 3.00 -3.60
N MET A 47 -11.38 2.10 -4.27
CA MET A 47 -9.97 1.85 -3.94
C MET A 47 -9.03 2.98 -4.36
N ALA A 48 -9.40 3.74 -5.39
CA ALA A 48 -8.58 4.91 -5.80
C ALA A 48 -8.78 6.14 -4.92
N TYR A 49 -10.00 6.39 -4.47
CA TYR A 49 -10.30 7.62 -3.71
C TYR A 49 -11.54 7.57 -2.81
N GLY A 50 -12.51 6.72 -3.17
CA GLY A 50 -13.79 6.65 -2.45
C GLY A 50 -13.65 6.32 -0.97
N TYR A 51 -12.58 5.60 -0.63
CA TYR A 51 -12.29 5.24 0.76
C TYR A 51 -12.27 6.46 1.67
N ALA A 52 -11.83 7.60 1.15
CA ALA A 52 -11.70 8.80 1.99
C ALA A 52 -13.03 9.54 2.24
N SER A 53 -14.13 9.04 1.64
N SER A 53 -14.12 9.02 1.64
CA SER A 53 -15.47 9.54 1.93
CA SER A 53 -15.47 9.52 1.89
C SER A 53 -15.98 9.00 3.26
C SER A 53 -16.15 8.72 3.00
N LYS A 54 -15.37 7.90 3.71
CA LYS A 54 -15.80 7.26 4.94
C LYS A 54 -15.10 7.93 6.10
N THR A 55 -15.50 7.60 7.32
CA THR A 55 -14.92 8.21 8.50
C THR A 55 -13.42 7.94 8.55
N LYS A 56 -12.65 9.01 8.74
CA LYS A 56 -11.22 8.89 8.99
C LYS A 56 -11.00 8.56 10.46
N LEU A 57 -10.32 7.45 10.72
CA LEU A 57 -10.13 6.94 12.09
C LEU A 57 -8.90 7.55 12.76
N GLY A 58 -7.90 7.90 11.95
CA GLY A 58 -6.67 8.46 12.46
C GLY A 58 -5.52 8.20 11.50
N SER A 59 -4.30 8.43 11.99
CA SER A 59 -3.11 8.30 11.15
C SER A 59 -1.84 8.10 11.96
N VAL A 60 -0.83 7.53 11.31
CA VAL A 60 0.55 7.47 11.85
C VAL A 60 1.51 7.81 10.70
N GLY A 61 2.59 8.52 11.04
CA GLY A 61 3.58 8.93 10.04
C GLY A 61 4.88 8.20 10.21
N GLY A 62 5.77 8.38 9.23
CA GLY A 62 7.15 7.89 9.36
C GLY A 62 7.33 6.39 9.34
N GLN A 63 6.45 5.68 8.66
CA GLN A 63 6.49 4.22 8.58
C GLN A 63 7.34 3.71 7.40
N THR A 64 8.36 2.91 7.73
CA THR A 64 9.25 2.32 6.72
C THR A 64 9.02 0.82 6.49
N ASP A 65 8.50 0.12 7.51
CA ASP A 65 8.09 -1.28 7.37
C ASP A 65 6.61 -1.30 7.00
N ILE A 66 6.30 -1.68 5.77
CA ILE A 66 4.97 -1.41 5.21
C ILE A 66 4.13 -2.64 4.81
N SER A 67 4.68 -3.84 4.98
CA SER A 67 3.91 -5.05 4.68
C SER A 67 2.87 -5.31 5.76
N ILE A 68 1.77 -5.95 5.38
CA ILE A 68 0.70 -6.26 6.31
C ILE A 68 0.67 -7.79 6.53
N ASP A 69 0.69 -8.19 7.79
CA ASP A 69 0.59 -9.61 8.18
C ASP A 69 -0.19 -9.65 9.49
N TYR A 70 -1.51 -9.55 9.38
CA TYR A 70 -2.36 -9.52 10.57
C TYR A 70 -3.02 -10.89 10.78
N ASN A 71 -2.84 -11.41 11.99
CA ASN A 71 -3.40 -12.71 12.35
C ASN A 71 -4.39 -12.52 13.48
N ILE A 72 -5.58 -13.11 13.35
CA ILE A 72 -6.59 -13.02 14.41
C ILE A 72 -6.20 -13.81 15.65
N PRO A 73 -6.78 -13.46 16.82
CA PRO A 73 -6.50 -14.23 18.03
C PRO A 73 -7.09 -15.64 18.02
N CYS A 74 -6.41 -16.55 18.69
CA CYS A 74 -7.01 -17.83 19.08
C CYS A 74 -7.07 -17.80 20.61
N VAL A 75 -8.30 -17.84 21.15
CA VAL A 75 -8.48 -17.90 22.61
C VAL A 75 -8.40 -19.38 22.95
N SER A 76 -7.25 -19.77 23.50
CA SER A 76 -6.90 -21.18 23.69
C SER A 76 -6.83 -21.53 25.16
N SER A 77 -6.62 -22.81 25.45
CA SER A 77 -6.48 -23.31 26.81
C SER A 77 -5.34 -22.64 27.58
N SER A 78 -4.29 -22.23 26.87
CA SER A 78 -3.11 -21.64 27.52
C SER A 78 -3.02 -20.11 27.38
N GLY A 79 -4.10 -19.47 26.92
CA GLY A 79 -4.15 -18.02 26.77
C GLY A 79 -4.53 -17.60 25.35
N THR A 80 -4.45 -16.30 25.09
CA THR A 80 -4.83 -15.79 23.78
C THR A 80 -3.61 -15.37 22.95
N PHE A 81 -3.44 -16.01 21.80
CA PHE A 81 -2.27 -15.78 20.96
C PHE A 81 -2.68 -15.63 19.50
N PRO A 82 -1.92 -14.86 18.72
CA PRO A 82 -2.28 -14.72 17.29
C PRO A 82 -2.04 -16.04 16.56
N CYS A 83 -2.94 -16.38 15.64
CA CYS A 83 -2.82 -17.62 14.86
C CYS A 83 -2.47 -17.38 13.40
N PRO A 84 -1.30 -17.87 12.94
CA PRO A 84 -0.98 -17.83 11.49
C PRO A 84 -2.07 -18.58 10.71
N GLN A 85 -2.60 -17.99 9.64
CA GLN A 85 -3.76 -18.61 8.98
CA GLN A 85 -3.73 -18.57 8.91
C GLN A 85 -3.48 -20.02 8.49
N GLU A 86 -2.24 -20.29 8.09
CA GLU A 86 -1.90 -21.62 7.60
C GLU A 86 -1.92 -22.68 8.71
N ASP A 87 -1.88 -22.22 9.96
CA ASP A 87 -1.93 -23.11 11.13
C ASP A 87 -3.36 -23.28 11.65
N SER A 88 -4.32 -22.54 11.09
CA SER A 88 -5.72 -22.71 11.48
C SER A 88 -6.27 -24.00 10.88
N TYR A 89 -7.17 -24.67 11.60
CA TYR A 89 -7.76 -25.92 11.14
C TYR A 89 -9.12 -26.18 11.81
N GLY A 90 -9.91 -27.09 11.22
CA GLY A 90 -11.21 -27.49 11.79
C GLY A 90 -12.16 -26.31 11.98
N ASN A 91 -12.92 -26.33 13.07
CA ASN A 91 -13.96 -25.33 13.33
C ASN A 91 -13.99 -24.77 14.77
N TRP A 92 -12.89 -24.21 15.31
CA TRP A 92 -11.58 -24.16 14.68
C TRP A 92 -10.52 -24.26 15.78
N GLY A 93 -9.30 -24.63 15.40
CA GLY A 93 -8.15 -24.65 16.29
C GLY A 93 -6.96 -24.03 15.58
N CYS A 94 -5.87 -23.87 16.32
CA CYS A 94 -4.63 -23.34 15.79
C CYS A 94 -3.51 -24.32 16.22
N LYS A 95 -2.75 -24.81 15.25
CA LYS A 95 -1.73 -25.83 15.51
CA LYS A 95 -1.74 -25.84 15.52
C LYS A 95 -0.79 -25.39 16.62
N GLY A 96 -0.64 -26.25 17.63
CA GLY A 96 0.18 -25.94 18.80
C GLY A 96 -0.59 -25.23 19.91
N MET A 97 -1.88 -24.95 19.69
CA MET A 97 -2.71 -24.26 20.71
C MET A 97 -3.98 -25.01 21.09
N GLY A 98 -4.36 -26.01 20.32
CA GLY A 98 -5.64 -26.72 20.52
C GLY A 98 -6.81 -25.93 19.94
N ALA A 99 -8.03 -26.25 20.40
CA ALA A 99 -9.26 -25.60 19.93
C ALA A 99 -9.33 -24.15 20.38
N CYS A 100 -9.81 -23.28 19.49
CA CYS A 100 -10.02 -21.88 19.82
C CYS A 100 -11.50 -21.66 20.16
N SER A 101 -11.78 -20.93 21.23
CA SER A 101 -13.16 -20.72 21.66
C SER A 101 -13.86 -19.51 21.02
N ASN A 102 -13.10 -18.65 20.35
CA ASN A 102 -13.60 -17.38 19.83
C ASN A 102 -14.03 -17.47 18.36
N SER A 103 -14.88 -16.54 17.93
CA SER A 103 -15.36 -16.54 16.55
C SER A 103 -14.34 -15.94 15.59
N GLN A 104 -14.19 -16.55 14.41
CA GLN A 104 -13.39 -15.95 13.33
C GLN A 104 -14.07 -14.75 12.69
N GLY A 105 -15.38 -14.60 12.91
CA GLY A 105 -16.18 -13.64 12.18
C GLY A 105 -16.58 -12.35 12.90
N ILE A 106 -15.97 -12.06 14.06
CA ILE A 106 -16.24 -10.79 14.75
C ILE A 106 -15.06 -9.82 14.54
N ALA A 107 -15.27 -8.54 14.89
CA ALA A 107 -14.19 -7.56 14.83
C ALA A 107 -13.21 -7.79 15.97
N TYR A 108 -11.90 -7.57 15.73
CA TYR A 108 -10.87 -7.60 16.79
C TYR A 108 -10.08 -6.31 16.76
N TRP A 109 -9.73 -5.82 17.96
CA TRP A 109 -8.96 -4.57 18.17
C TRP A 109 -7.49 -4.89 18.49
N SER A 110 -6.59 -4.16 17.85
CA SER A 110 -5.18 -4.45 17.95
C SER A 110 -4.36 -3.29 17.39
N THR A 111 -3.10 -3.19 17.83
CA THR A 111 -2.16 -2.21 17.30
C THR A 111 -1.25 -2.78 16.19
N ASP A 112 -1.57 -3.97 15.67
CA ASP A 112 -0.69 -4.64 14.70
CA ASP A 112 -0.71 -4.66 14.69
C ASP A 112 -0.43 -3.84 13.42
N LEU A 113 -1.37 -3.00 13.01
CA LEU A 113 -1.16 -2.17 11.84
C LEU A 113 -0.51 -0.85 12.28
N PHE A 114 0.82 -0.80 12.18
CA PHE A 114 1.59 0.44 12.36
C PHE A 114 1.50 1.06 13.76
N GLY A 115 1.20 0.23 14.77
CA GLY A 115 1.03 0.72 16.15
C GLY A 115 -0.26 1.51 16.40
N PHE A 116 -1.12 1.64 15.38
CA PHE A 116 -2.37 2.39 15.53
C PHE A 116 -3.50 1.47 16.04
N TYR A 117 -4.13 1.83 17.16
CA TYR A 117 -5.17 0.97 17.75
C TYR A 117 -6.46 1.03 16.93
N THR A 118 -6.80 -0.07 16.25
CA THR A 118 -7.98 -0.08 15.38
C THR A 118 -8.45 -1.53 15.21
N THR A 119 -9.31 -1.77 14.22
CA THR A 119 -9.84 -3.11 13.90
C THR A 119 -9.21 -3.63 12.60
N PRO A 120 -8.09 -4.37 12.69
CA PRO A 120 -7.43 -4.84 11.45
C PRO A 120 -8.26 -5.87 10.70
N THR A 121 -9.26 -6.45 11.38
CA THR A 121 -10.26 -7.30 10.71
C THR A 121 -11.10 -6.58 9.66
N ASN A 122 -11.30 -5.28 9.85
CA ASN A 122 -12.18 -4.50 8.99
C ASN A 122 -11.76 -3.03 9.02
N VAL A 123 -11.07 -2.62 7.95
CA VAL A 123 -10.43 -1.31 7.89
C VAL A 123 -9.89 -1.10 6.49
N THR A 124 -9.80 0.16 6.07
CA THR A 124 -9.10 0.49 4.84
C THR A 124 -7.98 1.45 5.19
N LEU A 125 -6.78 1.23 4.68
CA LEU A 125 -5.73 2.18 4.95
C LEU A 125 -5.05 2.70 3.68
N GLU A 126 -4.49 3.90 3.79
CA GLU A 126 -3.86 4.57 2.65
C GLU A 126 -2.44 4.92 3.07
N MET A 127 -1.45 4.37 2.36
CA MET A 127 -0.04 4.68 2.57
C MET A 127 0.36 5.68 1.49
N THR A 128 0.96 6.81 1.89
CA THR A 128 1.50 7.76 0.92
C THR A 128 2.93 8.15 1.27
N GLY A 129 3.70 8.48 0.22
CA GLY A 129 5.07 8.90 0.36
C GLY A 129 5.67 9.04 -1.02
N TYR A 130 6.99 9.21 -1.05
CA TYR A 130 7.75 9.30 -2.30
C TYR A 130 8.80 8.21 -2.30
N PHE A 131 8.89 7.51 -3.43
CA PHE A 131 9.89 6.47 -3.60
C PHE A 131 11.10 7.13 -4.28
N LEU A 132 12.28 6.96 -3.69
CA LEU A 132 13.54 7.52 -4.21
C LEU A 132 14.42 6.41 -4.79
N PRO A 133 14.46 6.30 -6.14
CA PRO A 133 15.29 5.28 -6.79
C PRO A 133 16.77 5.65 -6.62
N PRO A 134 17.57 4.71 -6.06
CA PRO A 134 19.02 4.95 -6.02
C PRO A 134 19.69 4.68 -7.38
N GLN A 135 19.04 3.90 -8.24
CA GLN A 135 19.59 3.49 -9.53
C GLN A 135 18.57 3.82 -10.61
N THR A 136 19.03 4.24 -11.77
CA THR A 136 18.18 4.42 -12.92
C THR A 136 17.87 3.10 -13.60
N GLY A 137 16.58 2.82 -13.80
CA GLY A 137 16.17 1.65 -14.55
C GLY A 137 14.77 1.16 -14.22
N SER A 138 14.51 -0.09 -14.58
CA SER A 138 13.22 -0.72 -14.40
CA SER A 138 13.20 -0.70 -14.37
C SER A 138 13.05 -1.26 -12.96
N TYR A 139 11.98 -0.82 -12.27
CA TYR A 139 11.62 -1.30 -10.92
C TYR A 139 10.33 -2.12 -11.02
N THR A 140 10.31 -3.32 -10.44
CA THR A 140 9.09 -4.13 -10.44
C THR A 140 8.54 -4.25 -9.01
N PHE A 141 7.41 -3.59 -8.77
CA PHE A 141 6.72 -3.66 -7.49
C PHE A 141 5.83 -4.89 -7.47
N SER A 142 5.69 -5.54 -6.31
CA SER A 142 4.86 -6.74 -6.20
CA SER A 142 4.87 -6.74 -6.20
C SER A 142 4.12 -6.87 -4.87
N PHE A 143 2.95 -7.50 -4.94
CA PHE A 143 2.23 -8.02 -3.77
C PHE A 143 2.41 -9.53 -3.91
N ALA A 144 2.91 -10.21 -2.88
CA ALA A 144 3.05 -11.68 -2.90
C ALA A 144 1.69 -12.37 -2.93
N THR A 145 0.76 -11.81 -2.17
CA THR A 145 -0.64 -12.20 -2.19
C THR A 145 -1.45 -10.97 -1.72
N VAL A 146 -2.78 -11.01 -1.82
CA VAL A 146 -3.65 -9.92 -1.36
C VAL A 146 -4.86 -10.48 -0.58
N ASP A 147 -5.02 -10.06 0.68
CA ASP A 147 -6.21 -10.43 1.46
C ASP A 147 -6.54 -9.16 2.27
N ASP A 148 -7.58 -8.38 1.91
CA ASP A 148 -8.59 -8.73 0.91
CA ASP A 148 -8.57 -8.75 0.90
C ASP A 148 -8.43 -8.05 -0.46
N SER A 149 -8.14 -6.76 -0.45
CA SER A 149 -8.17 -5.94 -1.68
C SER A 149 -7.10 -4.88 -1.58
N ALA A 150 -6.40 -4.60 -2.69
CA ALA A 150 -5.34 -3.59 -2.65
C ALA A 150 -4.94 -3.05 -4.03
N ILE A 151 -4.42 -1.82 -4.04
CA ILE A 151 -3.83 -1.23 -5.23
C ILE A 151 -2.51 -0.56 -4.83
N LEU A 152 -1.63 -0.43 -5.80
CA LEU A 152 -0.40 0.33 -5.64
C LEU A 152 -0.28 1.22 -6.87
N SER A 153 -0.03 2.51 -6.63
CA SER A 153 0.15 3.49 -7.71
C SER A 153 1.45 4.26 -7.55
N VAL A 154 2.14 4.48 -8.66
CA VAL A 154 3.40 5.21 -8.66
C VAL A 154 3.33 6.31 -9.70
N GLY A 155 3.72 7.53 -9.28
CA GLY A 155 3.90 8.63 -10.23
C GLY A 155 3.06 9.86 -9.95
N GLY A 156 3.61 11.02 -10.28
CA GLY A 156 2.85 12.26 -10.23
C GLY A 156 1.59 12.13 -11.07
N SER A 157 0.47 12.64 -10.55
CA SER A 157 -0.85 12.58 -11.21
C SER A 157 -1.45 11.16 -11.30
N ILE A 158 -0.81 10.20 -10.63
CA ILE A 158 -1.33 8.81 -10.57
C ILE A 158 -1.49 8.42 -9.10
N ALA A 159 -0.40 8.48 -8.33
CA ALA A 159 -0.47 8.26 -6.89
C ALA A 159 -1.07 9.47 -6.17
N PHE A 160 -0.52 10.65 -6.45
CA PHE A 160 -0.99 11.96 -5.96
C PHE A 160 -0.21 13.04 -6.71
N GLU A 161 -0.50 14.31 -6.43
CA GLU A 161 0.18 15.42 -7.11
C GLU A 161 1.44 15.84 -6.38
N CYS A 162 2.47 16.15 -7.15
CA CYS A 162 3.75 16.61 -6.58
C CYS A 162 3.59 17.73 -5.57
N CYS A 163 4.28 17.58 -4.44
CA CYS A 163 4.30 18.55 -3.32
C CYS A 163 2.94 18.71 -2.65
N ALA A 164 2.07 17.72 -2.86
CA ALA A 164 0.69 17.73 -2.33
C ALA A 164 0.31 16.36 -1.76
N GLN A 165 1.25 15.73 -1.06
CA GLN A 165 1.07 14.43 -0.44
C GLN A 165 -0.13 14.36 0.51
N GLU A 166 -0.41 15.47 1.19
CA GLU A 166 -1.41 15.49 2.29
C GLU A 166 -2.82 15.81 1.82
N GLN A 167 -2.98 16.06 0.53
CA GLN A 167 -4.28 16.45 -0.03
C GLN A 167 -5.26 15.28 -0.11
N PRO A 168 -6.57 15.58 -0.28
CA PRO A 168 -7.52 14.48 -0.49
C PRO A 168 -7.08 13.67 -1.72
N PRO A 169 -7.38 12.35 -1.76
CA PRO A 169 -6.86 11.53 -2.87
C PRO A 169 -7.33 12.02 -4.22
N ILE A 170 -6.46 11.86 -5.22
CA ILE A 170 -6.83 12.18 -6.59
C ILE A 170 -7.65 11.03 -7.21
N THR A 171 -8.23 11.24 -8.39
CA THR A 171 -9.19 10.26 -8.90
C THR A 171 -8.62 9.21 -9.87
N SER A 172 -7.32 9.27 -10.14
CA SER A 172 -6.73 8.32 -11.10
C SER A 172 -6.95 6.86 -10.72
N THR A 173 -7.41 6.05 -11.69
CA THR A 173 -7.52 4.60 -11.49
C THR A 173 -6.49 3.85 -12.34
N ASN A 174 -5.44 4.56 -12.74
CA ASN A 174 -4.38 4.00 -13.56
C ASN A 174 -3.35 3.30 -12.69
N PHE A 175 -3.78 2.23 -12.01
CA PHE A 175 -2.95 1.57 -11.00
C PHE A 175 -1.71 0.90 -11.57
N THR A 176 -0.63 0.98 -10.81
CA THR A 176 0.61 0.27 -11.12
C THR A 176 0.42 -1.23 -10.82
N ILE A 177 -0.16 -1.54 -9.65
CA ILE A 177 -0.63 -2.91 -9.38
C ILE A 177 -2.13 -2.85 -9.10
N ASN A 178 -2.91 -3.62 -9.86
CA ASN A 178 -4.34 -3.77 -9.59
C ASN A 178 -4.57 -5.08 -8.83
N GLY A 179 -4.72 -4.98 -7.51
CA GLY A 179 -4.98 -6.16 -6.67
C GLY A 179 -6.38 -6.13 -6.07
N ILE A 180 -7.28 -5.43 -6.77
CA ILE A 180 -8.68 -5.34 -6.34
C ILE A 180 -9.29 -6.73 -6.32
N LYS A 181 -9.98 -7.06 -5.24
CA LYS A 181 -10.69 -8.33 -5.12
C LYS A 181 -11.71 -8.45 -6.25
N PRO A 182 -11.54 -9.46 -7.14
CA PRO A 182 -12.48 -9.65 -8.25
C PRO A 182 -13.90 -9.90 -7.73
N TRP A 183 -14.89 -9.35 -8.45
CA TRP A 183 -16.30 -9.59 -8.16
C TRP A 183 -16.62 -11.08 -8.24
N ASP A 184 -16.06 -11.74 -9.25
CA ASP A 184 -16.26 -13.16 -9.56
C ASP A 184 -15.73 -14.09 -8.47
N GLY A 185 -15.25 -13.51 -7.37
CA GLY A 185 -14.65 -14.27 -6.26
C GLY A 185 -13.27 -14.83 -6.59
N SER A 186 -12.81 -14.63 -7.82
CA SER A 186 -11.53 -15.14 -8.30
C SER A 186 -10.32 -14.51 -7.60
N LEU A 187 -9.12 -14.85 -8.06
CA LEU A 187 -7.89 -14.18 -7.64
C LEU A 187 -7.57 -13.02 -8.58
N PRO A 188 -7.03 -11.92 -8.03
CA PRO A 188 -6.58 -10.86 -8.94
C PRO A 188 -5.50 -11.42 -9.87
N THR A 189 -5.61 -11.13 -11.16
CA THR A 189 -4.73 -11.74 -12.16
C THR A 189 -3.26 -11.32 -11.98
N ASN A 190 -2.96 -10.07 -12.28
CA ASN A 190 -1.59 -9.56 -12.21
C ASN A 190 -1.34 -8.73 -10.96
N ILE A 191 -0.51 -9.25 -10.06
CA ILE A 191 -0.17 -8.50 -8.83
C ILE A 191 1.30 -8.03 -8.77
N THR A 192 1.83 -7.75 -9.97
CA THR A 192 3.12 -7.06 -10.14
C THR A 192 2.91 -5.88 -11.10
N GLY A 193 3.80 -4.89 -11.05
CA GLY A 193 3.74 -3.74 -11.96
C GLY A 193 5.13 -3.14 -12.04
N THR A 194 5.49 -2.68 -13.24
CA THR A 194 6.84 -2.18 -13.50
CA THR A 194 6.84 -2.19 -13.52
C THR A 194 6.81 -0.69 -13.84
N VAL A 195 7.79 0.05 -13.34
CA VAL A 195 7.93 1.47 -13.62
C VAL A 195 9.40 1.74 -13.92
N TYR A 196 9.66 2.50 -14.98
CA TYR A 196 11.02 2.95 -15.26
C TYR A 196 11.27 4.24 -14.48
N MET A 197 12.34 4.25 -13.68
CA MET A 197 12.61 5.39 -12.80
CA MET A 197 12.62 5.36 -12.77
C MET A 197 14.03 5.92 -12.94
N TYR A 198 14.15 7.23 -12.81
CA TYR A 198 15.44 7.94 -12.91
C TYR A 198 15.97 8.27 -11.52
N ALA A 199 17.23 7.90 -11.27
CA ALA A 199 17.83 8.04 -9.95
C ALA A 199 17.72 9.48 -9.44
N GLY A 200 17.34 9.62 -8.16
CA GLY A 200 17.36 10.92 -7.50
C GLY A 200 16.09 11.75 -7.59
N TYR A 201 15.13 11.31 -8.41
CA TYR A 201 13.83 11.99 -8.46
C TYR A 201 12.90 11.33 -7.47
N TYR A 202 11.98 12.10 -6.87
CA TYR A 202 11.01 11.54 -5.91
C TYR A 202 9.71 11.17 -6.63
N TYR A 203 9.37 9.88 -6.62
CA TYR A 203 8.17 9.35 -7.28
C TYR A 203 7.02 9.16 -6.29
N PRO A 204 5.91 9.91 -6.44
CA PRO A 204 4.77 9.67 -5.57
C PRO A 204 4.36 8.21 -5.57
N LEU A 205 4.04 7.69 -4.39
CA LEU A 205 3.70 6.30 -4.19
C LEU A 205 2.49 6.23 -3.27
N LYS A 206 1.45 5.53 -3.71
CA LYS A 206 0.26 5.29 -2.89
C LYS A 206 -0.08 3.79 -2.87
N VAL A 207 -0.35 3.26 -1.67
CA VAL A 207 -0.88 1.92 -1.51
C VAL A 207 -2.19 2.07 -0.75
N VAL A 208 -3.27 1.50 -1.29
CA VAL A 208 -4.56 1.47 -0.57
C VAL A 208 -4.90 0.01 -0.33
N TYR A 209 -5.14 -0.34 0.93
CA TYR A 209 -5.37 -1.72 1.31
C TYR A 209 -6.64 -1.85 2.16
N SER A 210 -7.41 -2.91 1.92
CA SER A 210 -8.65 -3.15 2.66
CA SER A 210 -8.66 -3.16 2.65
C SER A 210 -8.77 -4.59 3.15
N ASN A 211 -9.31 -4.75 4.36
CA ASN A 211 -9.66 -6.06 4.91
C ASN A 211 -11.12 -6.00 5.39
N ALA A 212 -11.88 -7.05 5.09
CA ALA A 212 -13.30 -7.15 5.47
C ALA A 212 -13.57 -8.13 6.60
N VAL A 213 -12.73 -9.16 6.72
CA VAL A 213 -12.90 -10.14 7.80
C VAL A 213 -11.57 -10.83 8.15
N SER A 214 -11.45 -11.20 9.44
CA SER A 214 -10.34 -12.03 9.96
C SER A 214 -8.93 -11.64 9.45
N TRP A 215 -8.22 -12.59 8.84
CA TRP A 215 -6.82 -12.36 8.46
C TRP A 215 -6.68 -11.27 7.39
N GLY A 216 -5.57 -10.56 7.47
CA GLY A 216 -5.21 -9.54 6.47
C GLY A 216 -3.75 -9.75 6.08
N THR A 217 -3.49 -9.72 4.77
CA THR A 217 -2.14 -9.99 4.27
C THR A 217 -1.81 -9.17 3.05
N LEU A 218 -0.67 -8.49 3.10
CA LEU A 218 -0.18 -7.70 1.96
C LEU A 218 1.35 -7.62 2.01
N PRO A 219 2.04 -8.64 1.44
CA PRO A 219 3.51 -8.60 1.49
C PRO A 219 4.01 -7.81 0.30
N ILE A 220 4.67 -6.69 0.58
CA ILE A 220 5.08 -5.75 -0.48
C ILE A 220 6.58 -5.85 -0.75
N SER A 221 6.94 -5.96 -2.03
CA SER A 221 8.35 -6.02 -2.43
CA SER A 221 8.35 -5.99 -2.42
C SER A 221 8.60 -5.15 -3.67
N VAL A 222 9.87 -4.84 -3.90
CA VAL A 222 10.29 -4.21 -5.15
C VAL A 222 11.62 -4.82 -5.60
N GLU A 223 11.69 -5.12 -6.89
CA GLU A 223 12.92 -5.58 -7.50
C GLU A 223 13.59 -4.37 -8.16
N LEU A 224 14.84 -4.14 -7.76
CA LEU A 224 15.61 -2.99 -8.27
C LEU A 224 16.25 -3.33 -9.62
N PRO A 225 16.67 -2.30 -10.39
CA PRO A 225 17.34 -2.53 -11.66
C PRO A 225 18.51 -3.51 -11.59
N ASP A 226 19.22 -3.56 -10.45
CA ASP A 226 20.35 -4.49 -10.32
C ASP A 226 19.92 -5.95 -10.07
N GLY A 227 18.61 -6.18 -9.97
CA GLY A 227 18.06 -7.52 -9.83
C GLY A 227 17.83 -7.98 -8.40
N THR A 228 18.26 -7.18 -7.42
CA THR A 228 18.00 -7.49 -6.02
C THR A 228 16.59 -7.06 -5.62
N THR A 229 16.05 -7.70 -4.57
CA THR A 229 14.69 -7.45 -4.11
C THR A 229 14.70 -6.89 -2.71
N VAL A 230 13.94 -5.81 -2.50
CA VAL A 230 13.73 -5.24 -1.18
C VAL A 230 12.31 -5.65 -0.79
N SER A 231 12.18 -6.30 0.37
CA SER A 231 10.89 -6.77 0.89
C SER A 231 10.55 -6.19 2.28
N ASP A 232 9.30 -5.73 2.41
CA ASP A 232 8.71 -5.31 3.68
C ASP A 232 9.28 -4.01 4.23
N ASN A 233 10.59 -3.97 4.45
CA ASN A 233 11.23 -2.81 5.02
C ASN A 233 11.85 -1.95 3.92
N PHE A 234 11.25 -0.78 3.68
CA PHE A 234 11.66 0.14 2.60
C PHE A 234 12.45 1.36 3.12
N GLU A 235 13.01 1.22 4.32
CA GLU A 235 13.89 2.24 4.85
C GLU A 235 14.98 2.58 3.82
N GLY A 236 15.17 3.87 3.59
CA GLY A 236 16.15 4.34 2.61
C GLY A 236 15.58 4.56 1.23
N TYR A 237 14.34 4.07 1.02
CA TYR A 237 13.63 4.20 -0.27
C TYR A 237 12.40 5.11 -0.19
N VAL A 238 11.79 5.21 0.99
CA VAL A 238 10.52 5.93 1.10
C VAL A 238 10.57 7.10 2.07
N TYR A 239 9.97 8.21 1.65
CA TYR A 239 10.05 9.49 2.34
C TYR A 239 8.73 10.25 2.26
N SER A 240 8.53 11.16 3.20
CA SER A 240 7.39 12.07 3.22
C SER A 240 7.87 13.52 3.22
N PHE A 241 7.06 14.41 2.63
CA PHE A 241 7.27 15.86 2.68
C PHE A 241 5.94 16.50 3.02
N ASP A 242 5.92 17.48 3.94
CA ASP A 242 4.73 18.33 4.13
C ASP A 242 4.34 19.01 2.82
N ASP A 243 3.04 19.19 2.60
CA ASP A 243 2.53 19.92 1.43
C ASP A 243 3.25 21.25 1.25
N ASP A 244 3.61 21.56 0.01
CA ASP A 244 3.93 22.93 -0.35
C ASP A 244 3.38 23.20 -1.73
N LEU A 245 2.13 23.65 -1.74
CA LEU A 245 1.39 23.92 -2.96
C LEU A 245 1.88 25.16 -3.71
N SER A 246 2.81 25.89 -3.10
CA SER A 246 3.37 27.10 -3.69
C SER A 246 4.74 26.89 -4.38
N GLN A 247 5.30 25.68 -4.28
CA GLN A 247 6.59 25.43 -4.91
C GLN A 247 6.37 25.19 -6.40
N SER A 248 6.61 26.22 -7.21
CA SER A 248 6.18 26.23 -8.61
C SER A 248 6.85 25.14 -9.45
N ASN A 249 8.13 24.88 -9.19
CA ASN A 249 8.92 23.93 -10.00
C ASN A 249 8.92 22.50 -9.45
N CYS A 250 7.98 22.16 -8.58
CA CYS A 250 8.00 20.84 -7.90
C CYS A 250 7.75 19.64 -8.82
N THR A 251 6.93 19.83 -9.85
CA THR A 251 6.59 18.74 -10.77
C THR A 251 7.60 18.62 -11.92
N ILE A 252 8.07 17.40 -12.18
CA ILE A 252 8.96 17.11 -13.31
C ILE A 252 8.18 16.18 -14.24
N PRO A 253 7.50 16.75 -15.25
CA PRO A 253 6.63 15.92 -16.09
C PRO A 253 7.40 14.86 -16.87
N ASP A 254 8.65 15.13 -17.23
CA ASP A 254 9.47 14.15 -17.94
C ASP A 254 10.89 14.05 -17.40
N PRO A 255 11.12 13.19 -16.39
CA PRO A 255 12.46 13.06 -15.88
C PRO A 255 13.45 12.51 -16.91
N SER A 256 12.99 11.97 -18.05
CA SER A 256 13.93 11.45 -19.08
C SER A 256 14.68 12.56 -19.82
N ILE A 257 14.24 13.80 -19.63
CA ILE A 257 14.89 14.95 -20.27
C ILE A 257 15.27 16.08 -19.33
N HIS A 258 14.83 16.01 -18.07
CA HIS A 258 15.03 17.11 -17.12
C HIS A 258 16.50 17.32 -16.78
#